data_3OSV
#
_entry.id   3OSV
#
_cell.length_a   114.828
_cell.length_b   118.379
_cell.length_c   118.301
_cell.angle_alpha   90.00
_cell.angle_beta   90.00
_cell.angle_gamma   90.00
#
_symmetry.space_group_name_H-M   'I 2 2 2'
#
loop_
_entity.id
_entity.type
_entity.pdbx_description
1 polymer 'Flagellar basal-body rod modification protein FlgD'
2 non-polymer GLYCEROL
3 water water
#
_entity_poly.entity_id   1
_entity_poly.type   'polypeptide(L)'
_entity_poly.pdbx_seq_one_letter_code
;LQASSLVGRKVIVATDKSVVDTKDTFKASLNLPVSSSNVWVNVYDDKGTVVNRINLGQQAAGSVSFMWDGKDSSGNIMPP
GTYKFEAQTSIDGKTYGLQTYLPANVDSVTLGQNGGELMLNLAGLGSIALSKVQIIGQ
;
_entity_poly.pdbx_strand_id   A,B,C,D
#
loop_
_chem_comp.id
_chem_comp.type
_chem_comp.name
_chem_comp.formula
GOL non-polymer GLYCEROL 'C3 H8 O3'
#
# COMPACT_ATOMS: atom_id res chain seq x y z
N SER A 4 28.98 13.89 -3.29
CA SER A 4 28.97 15.18 -4.05
C SER A 4 27.61 15.50 -4.77
N SER A 5 27.00 14.52 -5.46
CA SER A 5 25.77 14.86 -6.24
C SER A 5 24.44 14.69 -5.57
N LEU A 6 24.17 13.48 -5.03
CA LEU A 6 22.78 12.99 -4.71
C LEU A 6 22.04 12.28 -5.89
N VAL A 7 22.30 12.77 -7.12
CA VAL A 7 21.82 12.20 -8.36
C VAL A 7 22.08 10.73 -8.35
N GLY A 8 21.05 9.94 -8.58
CA GLY A 8 21.22 8.50 -8.65
C GLY A 8 21.06 7.74 -7.35
N ARG A 9 21.04 8.45 -6.22
CA ARG A 9 20.80 7.82 -4.89
C ARG A 9 19.30 7.55 -4.75
N LYS A 10 18.91 6.80 -3.72
CA LYS A 10 17.50 6.57 -3.44
C LYS A 10 17.11 7.32 -2.14
N VAL A 11 16.06 8.12 -2.20
CA VAL A 11 15.57 8.76 -0.99
C VAL A 11 14.17 8.26 -0.66
N ILE A 12 13.70 8.60 0.53
CA ILE A 12 12.40 8.19 1.01
C ILE A 12 11.46 9.41 1.07
N VAL A 13 10.31 9.30 0.41
CA VAL A 13 9.51 10.47 0.11
C VAL A 13 8.11 10.20 0.67
N ALA A 14 7.57 11.17 1.39
CA ALA A 14 6.16 11.15 1.79
C ALA A 14 5.40 11.36 0.50
N THR A 15 4.97 10.28 -0.15
CA THR A 15 4.21 10.34 -1.39
C THR A 15 3.41 9.05 -1.45
N ASP A 16 2.47 8.95 -2.40
CA ASP A 16 1.76 7.69 -2.55
C ASP A 16 2.09 7.00 -3.83
N LYS A 17 3.05 7.51 -4.57
CA LYS A 17 3.47 6.89 -5.84
C LYS A 17 4.94 6.52 -5.82
N SER A 18 5.32 5.45 -6.54
CA SER A 18 6.73 5.13 -6.65
C SER A 18 6.98 4.37 -7.92
N VAL A 19 8.14 4.56 -8.55
CA VAL A 19 8.50 3.73 -9.75
C VAL A 19 8.97 2.38 -9.27
N VAL A 20 8.21 1.33 -9.57
CA VAL A 20 8.56 0.00 -9.02
C VAL A 20 9.19 -0.92 -10.05
N ASP A 21 10.32 -1.50 -9.72
CA ASP A 21 10.88 -2.58 -10.56
C ASP A 21 10.46 -3.91 -9.97
N THR A 22 9.45 -4.51 -10.61
CA THR A 22 8.68 -5.63 -10.07
C THR A 22 9.49 -6.90 -10.16
N LYS A 23 10.68 -6.83 -10.72
CA LYS A 23 11.56 -7.99 -10.61
C LYS A 23 12.08 -8.09 -9.16
N ASP A 24 12.13 -6.97 -8.43
CA ASP A 24 12.58 -6.98 -7.03
C ASP A 24 11.44 -6.70 -6.09
N THR A 25 11.52 -7.24 -4.88
CA THR A 25 10.57 -6.95 -3.85
C THR A 25 10.58 -5.46 -3.55
N PHE A 26 9.39 -4.91 -3.33
CA PHE A 26 9.25 -3.51 -3.05
C PHE A 26 9.02 -3.32 -1.54
N LYS A 27 9.78 -2.46 -0.91
CA LYS A 27 9.78 -2.35 0.57
C LYS A 27 9.62 -0.91 0.97
N ALA A 28 8.73 -0.59 1.91
CA ALA A 28 8.51 0.80 2.28
C ALA A 28 7.76 0.83 3.62
N SER A 29 7.27 2.00 4.07
CA SER A 29 6.65 2.18 5.40
C SER A 29 5.46 3.06 5.31
N LEU A 30 4.72 3.08 6.40
CA LEU A 30 3.67 4.05 6.63
C LEU A 30 3.78 4.46 8.11
N ASN A 31 3.25 5.62 8.44
CA ASN A 31 3.14 6.02 9.85
C ASN A 31 1.73 5.78 10.33
N LEU A 32 1.60 5.21 11.51
CA LEU A 32 0.29 4.95 12.13
C LEU A 32 0.19 5.67 13.48
N PRO A 33 -0.68 6.68 13.55
CA PRO A 33 -0.65 7.55 14.71
C PRO A 33 -1.33 6.97 15.93
N VAL A 34 -2.26 6.03 15.72
CA VAL A 34 -2.99 5.39 16.83
C VAL A 34 -3.04 3.88 16.57
N SER A 35 -2.82 3.06 17.57
CA SER A 35 -2.73 1.67 17.27
C SER A 35 -4.10 1.24 16.76
N SER A 36 -4.13 0.12 16.05
CA SER A 36 -5.36 -0.24 15.37
C SER A 36 -5.39 -1.73 15.09
N SER A 37 -6.58 -2.31 15.07
CA SER A 37 -6.67 -3.73 14.83
C SER A 37 -6.71 -4.02 13.32
N ASN A 38 -6.82 -2.98 12.47
CA ASN A 38 -6.97 -3.28 11.03
C ASN A 38 -6.28 -2.23 10.16
N VAL A 39 -5.11 -2.56 9.61
CA VAL A 39 -4.37 -1.61 8.77
C VAL A 39 -4.09 -2.21 7.42
N TRP A 40 -4.13 -1.42 6.33
CA TRP A 40 -3.94 -2.01 4.99
C TRP A 40 -3.34 -1.04 3.99
N VAL A 41 -2.88 -1.59 2.88
CA VAL A 41 -2.37 -0.76 1.80
C VAL A 41 -3.04 -1.26 0.52
N ASN A 42 -3.84 -0.41 -0.13
CA ASN A 42 -4.39 -0.72 -1.47
C ASN A 42 -3.34 -0.40 -2.53
N VAL A 43 -3.13 -1.26 -3.51
CA VAL A 43 -2.17 -0.94 -4.55
C VAL A 43 -2.89 -0.74 -5.90
N TYR A 44 -2.51 0.29 -6.66
CA TYR A 44 -3.16 0.60 -7.94
C TYR A 44 -2.09 0.84 -9.01
N ASP A 45 -2.42 0.62 -10.30
CA ASP A 45 -1.53 0.99 -11.40
C ASP A 45 -1.58 2.49 -11.63
N ASP A 46 -0.81 2.98 -12.62
CA ASP A 46 -0.82 4.42 -12.83
C ASP A 46 -2.13 4.99 -13.36
N LYS A 47 -3.09 4.15 -13.72
CA LYS A 47 -4.36 4.71 -14.18
C LYS A 47 -5.41 4.59 -13.09
N GLY A 48 -5.01 4.25 -11.86
CA GLY A 48 -5.99 4.11 -10.79
C GLY A 48 -6.70 2.77 -10.77
N THR A 49 -6.33 1.84 -11.67
CA THR A 49 -6.90 0.48 -11.59
C THR A 49 -6.27 -0.37 -10.44
N VAL A 50 -7.10 -0.94 -9.60
CA VAL A 50 -6.69 -1.64 -8.43
C VAL A 50 -5.92 -2.89 -8.89
N VAL A 51 -4.77 -3.13 -8.25
CA VAL A 51 -3.83 -4.23 -8.54
C VAL A 51 -3.81 -5.28 -7.43
N ASN A 52 -3.79 -4.80 -6.18
CA ASN A 52 -3.68 -5.73 -5.04
C ASN A 52 -4.03 -5.04 -3.72
N ARG A 53 -4.09 -5.80 -2.65
CA ARG A 53 -4.47 -5.30 -1.35
C ARG A 53 -3.51 -5.95 -0.36
N ILE A 54 -2.72 -5.15 0.38
CA ILE A 54 -1.78 -5.74 1.33
C ILE A 54 -2.34 -5.52 2.73
N ASN A 55 -2.84 -6.57 3.36
CA ASN A 55 -3.51 -6.47 4.67
C ASN A 55 -2.49 -6.65 5.78
N LEU A 56 -2.49 -5.75 6.76
CA LEU A 56 -1.44 -5.74 7.74
C LEU A 56 -1.94 -6.09 9.14
N GLY A 57 -3.22 -6.28 9.26
CA GLY A 57 -3.82 -6.76 10.49
C GLY A 57 -3.52 -5.72 11.56
N GLN A 58 -3.23 -6.22 12.76
CA GLN A 58 -3.25 -5.37 13.92
C GLN A 58 -1.86 -4.76 14.03
N GLN A 59 -1.81 -3.49 14.36
CA GLN A 59 -0.51 -2.79 14.48
C GLN A 59 -0.56 -1.78 15.63
N ALA A 60 0.59 -1.57 16.26
CA ALA A 60 0.82 -0.59 17.31
C ALA A 60 1.14 0.75 16.66
N ALA A 61 0.88 1.82 17.39
CA ALA A 61 1.23 3.15 16.98
C ALA A 61 2.71 3.24 16.69
N GLY A 62 3.03 4.00 15.64
CA GLY A 62 4.44 4.14 15.22
C GLY A 62 4.62 3.83 13.74
N SER A 63 5.84 3.45 13.41
CA SER A 63 6.16 3.10 12.04
C SER A 63 5.73 1.63 11.72
N VAL A 64 5.14 1.43 10.54
CA VAL A 64 4.79 0.07 10.11
C VAL A 64 5.39 -0.18 8.75
N SER A 65 6.22 -1.21 8.64
CA SER A 65 6.86 -1.48 7.40
C SER A 65 6.00 -2.44 6.55
N PHE A 66 6.09 -2.35 5.22
CA PHE A 66 5.33 -3.34 4.39
C PHE A 66 6.03 -3.66 3.08
N MET A 67 5.66 -4.76 2.44
CA MET A 67 6.25 -5.09 1.16
C MET A 67 5.25 -5.64 0.17
N TRP A 68 5.62 -5.47 -1.11
CA TRP A 68 4.82 -5.89 -2.22
C TRP A 68 5.76 -6.64 -3.17
N ASP A 69 5.34 -7.83 -3.58
CA ASP A 69 6.17 -8.69 -4.36
C ASP A 69 6.00 -8.42 -5.86
N GLY A 70 5.17 -7.43 -6.22
CA GLY A 70 5.06 -6.99 -7.63
C GLY A 70 3.92 -7.68 -8.37
N LYS A 71 3.07 -8.39 -7.65
CA LYS A 71 2.08 -9.20 -8.29
C LYS A 71 0.70 -8.67 -7.97
N ASP A 72 -0.23 -8.85 -8.90
CA ASP A 72 -1.64 -8.59 -8.65
C ASP A 72 -2.23 -9.66 -7.73
N SER A 73 -3.49 -9.54 -7.39
CA SER A 73 -4.02 -10.38 -6.33
C SER A 73 -4.28 -11.80 -6.86
N SER A 74 -4.18 -11.96 -8.18
CA SER A 74 -4.22 -13.26 -8.84
C SER A 74 -2.82 -13.89 -8.94
N GLY A 75 -1.78 -13.27 -8.44
CA GLY A 75 -0.46 -13.96 -8.49
C GLY A 75 0.39 -13.71 -9.76
N ASN A 76 -0.13 -12.83 -10.63
CA ASN A 76 0.56 -12.51 -11.84
C ASN A 76 1.44 -11.26 -11.69
N ILE A 77 2.64 -11.37 -12.24
CA ILE A 77 3.65 -10.33 -12.15
C ILE A 77 3.17 -9.14 -12.92
N MET A 78 3.18 -7.98 -12.26
CA MET A 78 2.84 -6.74 -12.91
C MET A 78 4.07 -6.17 -13.65
N PRO A 79 3.85 -5.34 -14.70
CA PRO A 79 5.03 -4.77 -15.39
C PRO A 79 5.63 -3.65 -14.57
N PRO A 80 6.95 -3.43 -14.66
CA PRO A 80 7.60 -2.29 -14.00
C PRO A 80 6.94 -0.97 -14.42
N GLY A 81 6.89 0.00 -13.51
CA GLY A 81 6.10 1.16 -13.77
C GLY A 81 5.71 1.89 -12.51
N THR A 82 4.98 2.97 -12.67
CA THR A 82 4.56 3.75 -11.52
C THR A 82 3.33 3.06 -10.86
N TYR A 83 3.41 2.79 -9.57
CA TYR A 83 2.25 2.21 -8.80
C TYR A 83 1.80 3.13 -7.64
N LYS A 84 0.52 3.08 -7.28
CA LYS A 84 0.04 3.93 -6.20
C LYS A 84 -0.14 3.03 -4.95
N PHE A 85 0.24 3.53 -3.75
CA PHE A 85 0.10 2.79 -2.52
C PHE A 85 -0.71 3.64 -1.57
N GLU A 86 -1.95 3.22 -1.30
CA GLU A 86 -2.84 3.98 -0.40
C GLU A 86 -2.98 3.21 0.91
N ALA A 87 -2.29 3.69 1.93
CA ALA A 87 -2.32 3.08 3.23
C ALA A 87 -3.50 3.63 4.00
N GLN A 88 -4.23 2.73 4.64
CA GLN A 88 -5.36 3.18 5.47
C GLN A 88 -5.53 2.34 6.73
N THR A 89 -6.32 2.85 7.65
CA THR A 89 -6.73 2.02 8.75
C THR A 89 -8.19 2.29 9.14
N SER A 90 -8.73 1.37 9.93
CA SER A 90 -10.06 1.50 10.46
C SER A 90 -9.97 1.69 11.97
N ILE A 91 -10.61 2.72 12.51
CA ILE A 91 -10.48 3.03 13.94
C ILE A 91 -11.84 3.46 14.43
N ASP A 92 -12.42 2.70 15.34
CA ASP A 92 -13.81 2.88 15.83
C ASP A 92 -14.85 2.96 14.68
N GLY A 93 -14.76 2.03 13.72
CA GLY A 93 -15.70 2.00 12.58
C GLY A 93 -15.56 3.03 11.44
N LYS A 94 -14.51 3.86 11.49
CA LYS A 94 -14.29 4.98 10.55
C LYS A 94 -12.93 4.71 9.83
N THR A 95 -12.81 5.05 8.56
CA THR A 95 -11.56 4.81 7.83
C THR A 95 -10.78 6.12 7.71
N TYR A 96 -9.46 6.06 7.91
CA TYR A 96 -8.56 7.19 7.91
C TYR A 96 -7.39 6.85 7.02
N GLY A 97 -6.95 7.79 6.18
CA GLY A 97 -5.76 7.59 5.36
C GLY A 97 -4.49 7.63 6.18
N LEU A 98 -3.47 6.87 5.75
CA LEU A 98 -2.17 7.03 6.37
C LEU A 98 -1.12 7.44 5.34
N GLN A 99 -0.08 8.12 5.86
CA GLN A 99 1.01 8.58 5.06
C GLN A 99 1.92 7.45 4.76
N THR A 100 2.23 7.25 3.50
CA THR A 100 3.26 6.27 3.07
C THR A 100 4.58 7.01 2.80
N TYR A 101 5.70 6.32 2.96
CA TYR A 101 7.04 6.85 2.70
C TYR A 101 7.67 5.89 1.76
N LEU A 102 7.95 6.32 0.54
CA LEU A 102 8.33 5.41 -0.52
C LEU A 102 9.64 5.86 -1.09
N PRO A 103 10.42 4.91 -1.59
CA PRO A 103 11.72 5.12 -2.22
C PRO A 103 11.51 5.72 -3.59
N ALA A 104 12.40 6.63 -3.98
CA ALA A 104 12.39 7.23 -5.32
C ALA A 104 13.83 7.50 -5.62
N ASN A 105 14.14 7.44 -6.91
CA ASN A 105 15.49 7.76 -7.36
C ASN A 105 15.61 9.27 -7.62
N VAL A 106 16.73 9.85 -7.20
CA VAL A 106 16.99 11.24 -7.53
C VAL A 106 17.50 11.41 -8.98
N ASP A 107 16.69 11.99 -9.84
CA ASP A 107 17.11 12.11 -11.24
C ASP A 107 18.12 13.22 -11.39
N SER A 108 17.79 14.38 -10.84
CA SER A 108 18.64 15.57 -10.84
C SER A 108 18.24 16.45 -9.64
N VAL A 109 19.04 17.48 -9.40
CA VAL A 109 18.76 18.45 -8.34
C VAL A 109 18.49 19.75 -9.04
N THR A 110 17.44 20.44 -8.64
CA THR A 110 17.00 21.63 -9.36
C THR A 110 16.45 22.78 -8.48
N LEU A 111 15.94 23.82 -9.15
CA LEU A 111 15.45 25.02 -8.45
C LEU A 111 13.91 25.24 -8.46
N GLY A 112 13.40 25.79 -7.35
CA GLY A 112 12.03 26.37 -7.29
C GLY A 112 11.96 27.80 -7.87
N GLN A 113 10.83 28.51 -7.63
CA GLN A 113 9.74 28.04 -6.77
C GLN A 113 9.58 29.01 -5.60
N GLU A 117 13.46 26.58 -2.74
CA GLU A 117 14.11 26.86 -4.01
C GLU A 117 15.30 25.95 -4.36
N LEU A 118 15.64 24.99 -3.52
CA LEU A 118 16.25 23.76 -4.05
C LEU A 118 15.17 22.67 -4.04
N MET A 119 15.07 21.90 -5.13
CA MET A 119 14.14 20.78 -5.19
C MET A 119 14.87 19.53 -5.71
N LEU A 120 14.29 18.37 -5.38
CA LEU A 120 14.70 17.15 -6.04
C LEU A 120 13.73 16.82 -7.17
N ASN A 121 14.26 16.53 -8.35
CA ASN A 121 13.48 15.86 -9.39
C ASN A 121 13.60 14.37 -9.18
N LEU A 122 12.52 13.80 -8.65
CA LEU A 122 12.44 12.38 -8.37
C LEU A 122 11.77 11.58 -9.49
N ALA A 123 12.41 10.47 -9.85
CA ALA A 123 11.88 9.52 -10.83
C ALA A 123 10.40 9.32 -10.62
N GLY A 124 9.60 9.69 -11.63
CA GLY A 124 8.14 9.43 -11.58
C GLY A 124 7.34 10.42 -10.76
N LEU A 125 8.02 11.36 -10.10
CA LEU A 125 7.28 12.26 -9.21
C LEU A 125 7.37 13.70 -9.61
N GLY A 126 8.36 14.03 -10.45
CA GLY A 126 8.70 15.45 -10.71
C GLY A 126 9.50 16.13 -9.60
N SER A 127 9.35 17.44 -9.52
CA SER A 127 10.05 18.25 -8.56
C SER A 127 9.39 18.19 -7.20
N ILE A 128 10.15 17.77 -6.19
CA ILE A 128 9.61 17.51 -4.87
C ILE A 128 10.41 18.33 -3.89
N ALA A 129 9.72 18.87 -2.89
CA ALA A 129 10.36 19.71 -1.89
C ALA A 129 10.96 18.82 -0.86
N LEU A 130 12.06 19.29 -0.28
CA LEU A 130 12.82 18.58 0.70
C LEU A 130 12.08 18.39 1.98
N SER A 131 10.99 19.14 2.18
CA SER A 131 10.16 18.88 3.33
C SER A 131 9.46 17.53 3.20
N LYS A 132 9.51 16.89 2.02
CA LYS A 132 8.85 15.61 1.87
C LYS A 132 9.84 14.45 1.88
N VAL A 133 11.10 14.77 2.13
CA VAL A 133 12.16 13.80 1.88
C VAL A 133 12.70 13.36 3.20
N GLN A 134 13.03 12.09 3.33
CA GLN A 134 13.42 11.61 4.65
C GLN A 134 14.87 12.02 4.78
N ILE A 135 15.29 12.39 6.02
CA ILE A 135 16.69 12.51 6.40
C ILE A 135 17.38 11.41 5.63
N ILE A 136 18.27 11.80 4.74
CA ILE A 136 18.86 10.91 3.77
C ILE A 136 19.84 9.97 4.50
N GLY A 137 19.69 8.66 4.28
CA GLY A 137 20.59 7.68 4.95
C GLY A 137 22.06 7.96 4.61
N ALA B 3 -2.65 -1.66 23.18
CA ALA B 3 -3.38 -0.37 22.84
C ALA B 3 -2.56 0.92 23.15
N SER B 4 -2.11 1.62 22.09
CA SER B 4 -1.12 2.66 22.21
C SER B 4 -1.27 3.84 21.23
N SER B 5 -0.56 4.92 21.57
CA SER B 5 -0.38 6.02 20.63
C SER B 5 1.00 6.65 20.73
N LEU B 6 1.15 7.68 19.92
CA LEU B 6 2.33 8.45 19.78
C LEU B 6 2.44 9.46 20.92
N VAL B 7 1.29 9.78 21.55
CA VAL B 7 1.22 10.74 22.65
C VAL B 7 2.34 10.53 23.66
N GLY B 8 3.14 11.58 23.89
CA GLY B 8 4.34 11.47 24.74
C GLY B 8 5.64 11.12 24.04
N ARG B 9 5.57 10.66 22.81
CA ARG B 9 6.78 10.30 22.05
C ARG B 9 7.35 11.45 21.32
N LYS B 10 8.63 11.34 20.99
CA LYS B 10 9.35 12.34 20.22
C LYS B 10 9.31 11.92 18.77
N VAL B 11 8.87 12.79 17.91
CA VAL B 11 9.03 12.51 16.47
C VAL B 11 9.91 13.52 15.80
N ILE B 12 10.22 13.25 14.54
CA ILE B 12 11.11 14.11 13.79
C ILE B 12 10.36 14.77 12.66
N VAL B 13 10.41 16.11 12.62
CA VAL B 13 9.52 16.86 11.79
C VAL B 13 10.25 17.80 10.88
N ALA B 14 9.80 17.85 9.64
CA ALA B 14 10.27 18.84 8.68
C ALA B 14 9.71 20.18 9.10
N THR B 15 10.47 20.95 9.88
CA THR B 15 10.01 22.24 10.39
C THR B 15 11.27 23.01 10.77
N ASP B 16 11.13 24.32 10.93
CA ASP B 16 12.20 25.14 11.36
C ASP B 16 12.13 25.60 12.83
N LYS B 17 11.16 25.11 13.60
CA LYS B 17 11.00 25.44 15.01
C LYS B 17 10.96 24.20 15.88
N SER B 18 11.42 24.33 17.12
CA SER B 18 11.32 23.25 18.04
C SER B 18 11.38 23.79 19.46
N VAL B 19 10.66 23.12 20.38
CA VAL B 19 10.71 23.48 21.81
C VAL B 19 11.99 22.89 22.34
N VAL B 20 12.85 23.74 22.89
CA VAL B 20 14.14 23.21 23.35
C VAL B 20 14.35 23.31 24.82
N ASP B 21 14.66 22.19 25.45
CA ASP B 21 15.12 22.22 26.85
C ASP B 21 16.64 22.34 26.89
N THR B 22 17.07 23.60 27.09
CA THR B 22 18.42 24.06 26.94
C THR B 22 19.26 23.49 28.03
N LYS B 23 18.63 22.70 28.90
CA LYS B 23 19.45 22.01 29.90
C LYS B 23 20.21 20.88 29.21
N ASP B 24 19.60 20.32 28.16
CA ASP B 24 20.26 19.24 27.37
C ASP B 24 20.69 19.74 26.00
N THR B 25 21.70 19.09 25.46
CA THR B 25 22.09 19.31 24.10
C THR B 25 20.97 19.03 23.12
N PHE B 26 20.82 19.95 22.17
CA PHE B 26 19.84 19.81 21.12
C PHE B 26 20.45 19.23 19.86
N LYS B 27 19.87 18.17 19.31
CA LYS B 27 20.48 17.44 18.18
C LYS B 27 19.48 17.28 17.11
N ALA B 28 19.84 17.53 15.86
CA ALA B 28 18.89 17.48 14.78
C ALA B 28 19.66 17.35 13.47
N SER B 29 18.99 17.44 12.31
CA SER B 29 19.67 17.40 11.06
C SER B 29 19.05 18.25 10.01
N LEU B 30 19.70 18.29 8.86
CA LEU B 30 19.23 19.04 7.71
C LEU B 30 19.55 18.15 6.51
N ASN B 31 18.95 18.43 5.37
CA ASN B 31 19.30 17.72 4.19
C ASN B 31 20.02 18.70 3.28
N LEU B 32 21.14 18.29 2.71
CA LEU B 32 21.80 19.09 1.76
C LEU B 32 21.85 18.43 0.37
N PRO B 33 21.14 19.03 -0.60
CA PRO B 33 21.02 18.28 -1.84
C PRO B 33 22.28 18.33 -2.71
N VAL B 34 23.08 19.38 -2.60
CA VAL B 34 24.36 19.47 -3.35
C VAL B 34 25.49 19.70 -2.35
N SER B 35 26.69 19.21 -2.64
CA SER B 35 27.69 19.31 -1.65
C SER B 35 28.16 20.74 -1.65
N SER B 36 28.69 21.19 -0.53
CA SER B 36 29.00 22.60 -0.48
C SER B 36 30.18 22.84 0.43
N SER B 37 30.88 23.92 0.16
CA SER B 37 32.00 24.27 1.02
C SER B 37 31.49 25.09 2.20
N ASN B 38 30.22 25.48 2.19
CA ASN B 38 29.82 26.35 3.33
C ASN B 38 28.35 26.14 3.69
N VAL B 39 28.08 25.54 4.85
CA VAL B 39 26.71 25.24 5.31
C VAL B 39 26.50 25.76 6.71
N TRP B 40 25.30 26.21 7.08
CA TRP B 40 25.13 26.78 8.41
C TRP B 40 23.69 26.79 8.89
N VAL B 41 23.53 27.00 10.19
CA VAL B 41 22.24 27.12 10.82
C VAL B 41 22.31 28.39 11.71
N ASN B 42 21.48 29.40 11.38
CA ASN B 42 21.20 30.55 12.24
C ASN B 42 20.11 30.16 13.28
N VAL B 43 20.30 30.52 14.54
CA VAL B 43 19.34 30.16 15.54
C VAL B 43 18.69 31.46 16.00
N TYR B 44 17.35 31.43 16.14
CA TYR B 44 16.65 32.61 16.57
C TYR B 44 15.74 32.22 17.71
N ASP B 45 15.42 33.18 18.57
CA ASP B 45 14.35 32.96 19.54
C ASP B 45 12.97 33.09 18.92
N ASP B 46 11.93 32.80 19.70
CA ASP B 46 10.56 32.75 19.18
C ASP B 46 10.02 34.10 18.69
N LYS B 47 10.77 35.20 18.85
CA LYS B 47 10.38 36.49 18.25
C LYS B 47 11.26 36.91 17.07
N GLY B 48 12.11 36.01 16.56
CA GLY B 48 12.96 36.35 15.43
C GLY B 48 14.29 36.99 15.80
N THR B 49 14.58 37.17 17.07
CA THR B 49 15.89 37.75 17.44
C THR B 49 16.99 36.67 17.37
N VAL B 50 18.09 36.94 16.65
CA VAL B 50 19.18 35.97 16.53
C VAL B 50 19.75 35.64 17.91
N VAL B 51 20.09 34.38 18.08
CA VAL B 51 20.60 33.85 19.27
C VAL B 51 22.00 33.37 19.01
N ASN B 52 22.19 32.68 17.89
CA ASN B 52 23.50 32.11 17.62
C ASN B 52 23.69 31.71 16.18
N ARG B 53 24.89 31.25 15.85
CA ARG B 53 25.15 30.85 14.49
C ARG B 53 26.02 29.57 14.50
N ILE B 54 25.54 28.49 13.89
CA ILE B 54 26.27 27.22 13.91
C ILE B 54 26.84 26.99 12.52
N ASN B 55 28.14 27.20 12.36
CA ASN B 55 28.74 27.01 11.04
C ASN B 55 29.21 25.56 10.95
N LEU B 56 28.85 24.94 9.84
CA LEU B 56 29.08 23.56 9.65
C LEU B 56 30.16 23.34 8.62
N GLY B 57 30.69 24.40 8.02
CA GLY B 57 31.86 24.23 7.18
C GLY B 57 31.45 23.45 5.94
N GLN B 58 32.35 22.62 5.44
CA GLN B 58 32.13 21.99 4.14
C GLN B 58 31.41 20.71 4.37
N GLN B 59 30.45 20.38 3.52
CA GLN B 59 29.72 19.15 3.78
C GLN B 59 29.44 18.50 2.45
N ALA B 60 29.36 17.16 2.48
CA ALA B 60 28.95 16.35 1.31
C ALA B 60 27.44 16.30 1.14
N ALA B 61 26.97 16.14 -0.09
CA ALA B 61 25.56 15.96 -0.31
C ALA B 61 25.01 14.83 0.57
N GLY B 62 23.79 14.96 1.03
CA GLY B 62 23.21 13.91 1.88
C GLY B 62 22.74 14.52 3.17
N SER B 63 22.58 13.76 4.21
CA SER B 63 22.09 14.43 5.39
C SER B 63 23.24 14.92 6.29
N VAL B 64 23.01 15.99 7.04
CA VAL B 64 24.06 16.55 7.90
C VAL B 64 23.48 16.73 9.25
N SER B 65 24.14 16.22 10.25
CA SER B 65 23.63 16.38 11.57
C SER B 65 24.26 17.63 12.22
N PHE B 66 23.57 18.20 13.23
CA PHE B 66 24.17 19.37 13.95
C PHE B 66 23.64 19.41 15.37
N MET B 67 24.30 20.20 16.22
CA MET B 67 23.94 20.27 17.65
C MET B 67 23.98 21.71 18.09
N TRP B 68 23.13 22.02 19.05
CA TRP B 68 23.17 23.32 19.71
C TRP B 68 23.21 23.10 21.22
N ASP B 69 24.16 23.74 21.86
CA ASP B 69 24.32 23.56 23.30
C ASP B 69 23.37 24.46 24.09
N GLY B 70 22.53 25.25 23.41
CA GLY B 70 21.49 26.00 24.13
C GLY B 70 21.99 27.34 24.62
N LYS B 71 23.13 27.78 24.07
CA LYS B 71 23.67 29.08 24.42
C LYS B 71 23.67 30.05 23.27
N ASP B 72 23.65 31.32 23.64
CA ASP B 72 23.84 32.35 22.63
C ASP B 72 25.35 32.46 22.26
N SER B 73 25.68 33.22 21.22
CA SER B 73 27.06 33.28 20.77
C SER B 73 27.94 33.99 21.82
N SER B 74 27.31 34.54 22.88
CA SER B 74 28.12 34.99 24.02
C SER B 74 28.36 33.89 25.07
N GLY B 75 27.84 32.67 24.90
CA GLY B 75 28.10 31.57 25.86
C GLY B 75 27.15 31.57 27.07
N ASN B 76 26.10 32.39 27.00
CA ASN B 76 25.08 32.37 28.03
C ASN B 76 23.96 31.41 27.72
N ILE B 77 23.57 30.65 28.72
CA ILE B 77 22.50 29.71 28.56
C ILE B 77 21.23 30.48 28.28
N MET B 78 20.49 30.02 27.27
CA MET B 78 19.21 30.52 26.90
C MET B 78 18.09 29.81 27.68
N PRO B 79 16.99 30.50 27.97
CA PRO B 79 15.92 29.83 28.78
C PRO B 79 15.17 28.76 27.92
N PRO B 80 14.68 27.67 28.53
CA PRO B 80 13.98 26.74 27.62
C PRO B 80 12.80 27.42 26.94
N GLY B 81 12.51 27.00 25.70
CA GLY B 81 11.45 27.61 24.90
C GLY B 81 11.54 27.26 23.45
N THR B 82 10.74 27.92 22.65
CA THR B 82 10.71 27.63 21.22
C THR B 82 11.87 28.41 20.55
N TYR B 83 12.68 27.71 19.75
CA TYR B 83 13.74 28.37 18.96
C TYR B 83 13.59 28.03 17.52
N LYS B 84 14.08 28.91 16.65
CA LYS B 84 13.95 28.72 15.19
C LYS B 84 15.32 28.34 14.67
N PHE B 85 15.38 27.38 13.74
CA PHE B 85 16.62 26.91 13.17
C PHE B 85 16.55 27.04 11.68
N GLU B 86 17.30 27.99 11.11
CA GLU B 86 17.29 28.24 9.66
C GLU B 86 18.62 27.74 9.04
N ALA B 87 18.56 26.65 8.33
CA ALA B 87 19.69 26.07 7.74
C ALA B 87 19.85 26.59 6.33
N GLN B 88 21.08 26.91 5.97
CA GLN B 88 21.34 27.42 4.61
C GLN B 88 22.70 27.04 4.12
N THR B 89 22.91 27.31 2.85
CA THR B 89 24.18 27.05 2.26
C THR B 89 24.46 28.03 1.13
N SER B 90 25.72 28.14 0.76
CA SER B 90 26.14 29.09 -0.24
C SER B 90 26.72 28.19 -1.30
N ILE B 91 26.14 28.19 -2.49
CA ILE B 91 26.59 27.37 -3.61
C ILE B 91 26.78 28.34 -4.81
N ASP B 92 28.00 28.47 -5.33
CA ASP B 92 28.33 29.44 -6.42
C ASP B 92 27.88 30.89 -6.16
N GLY B 93 28.13 31.37 -4.94
CA GLY B 93 27.84 32.76 -4.61
C GLY B 93 26.37 33.10 -4.39
N LYS B 94 25.48 32.08 -4.36
CA LYS B 94 24.05 32.31 -4.07
C LYS B 94 23.69 31.54 -2.78
N THR B 95 22.83 32.12 -1.95
CA THR B 95 22.36 31.46 -0.73
C THR B 95 21.05 30.70 -0.94
N TYR B 96 20.98 29.44 -0.54
CA TYR B 96 19.78 28.61 -0.58
C TYR B 96 19.35 28.09 0.80
N GLY B 97 18.05 28.04 1.06
CA GLY B 97 17.57 27.39 2.29
C GLY B 97 17.65 25.87 2.26
N LEU B 98 17.83 25.25 3.44
CA LEU B 98 17.80 23.80 3.47
C LEU B 98 16.76 23.39 4.46
N GLN B 99 16.19 22.21 4.26
CA GLN B 99 15.17 21.79 5.16
C GLN B 99 15.82 21.21 6.42
N THR B 100 15.39 21.68 7.59
CA THR B 100 15.76 21.05 8.85
C THR B 100 14.75 19.96 9.34
N TYR B 101 15.21 18.98 10.10
CA TYR B 101 14.36 17.97 10.70
C TYR B 101 14.61 17.99 12.14
N LEU B 102 13.60 18.30 12.88
CA LEU B 102 13.76 18.67 14.25
C LEU B 102 12.82 17.84 15.12
N PRO B 103 13.23 17.58 16.36
CA PRO B 103 12.38 16.81 17.27
C PRO B 103 11.25 17.62 17.79
N ALA B 104 10.11 16.98 17.94
CA ALA B 104 8.92 17.50 18.66
C ALA B 104 8.21 16.36 19.43
N ASN B 105 7.65 16.71 20.59
CA ASN B 105 6.87 15.81 21.39
C ASN B 105 5.42 15.72 20.83
N VAL B 106 4.80 14.55 20.81
CA VAL B 106 3.39 14.58 20.39
C VAL B 106 2.43 14.79 21.55
N ASP B 107 1.68 15.84 21.46
CA ASP B 107 0.81 16.23 22.55
C ASP B 107 -0.47 15.42 22.51
N SER B 108 -1.01 15.27 21.33
CA SER B 108 -2.18 14.49 21.12
C SER B 108 -2.28 14.16 19.63
N VAL B 109 -3.19 13.23 19.32
CA VAL B 109 -3.62 12.94 17.94
C VAL B 109 -5.00 13.59 17.60
N THR B 110 -5.14 14.27 16.48
CA THR B 110 -6.42 14.91 16.16
C THR B 110 -6.82 14.68 14.73
N LEU B 111 -7.70 15.57 14.20
CA LEU B 111 -8.41 15.31 12.91
C LEU B 111 -8.27 16.37 11.80
N GLY B 116 -11.42 10.77 7.43
CA GLY B 116 -10.39 10.94 6.39
C GLY B 116 -8.97 11.25 6.87
N GLU B 117 -8.80 12.37 7.62
CA GLU B 117 -7.48 13.01 7.94
C GLU B 117 -7.03 12.93 9.42
N LEU B 118 -5.95 12.21 9.72
CA LEU B 118 -5.37 12.27 11.07
C LEU B 118 -4.18 13.20 11.07
N MET B 119 -3.99 13.93 12.18
CA MET B 119 -2.80 14.74 12.33
C MET B 119 -2.19 14.67 13.72
N LEU B 120 -0.91 15.02 13.80
CA LEU B 120 -0.26 15.13 15.10
C LEU B 120 -0.35 16.53 15.65
N ASN B 121 -0.71 16.61 16.91
CA ASN B 121 -0.57 17.84 17.63
C ASN B 121 0.75 17.85 18.34
N LEU B 122 1.64 18.64 17.75
CA LEU B 122 3.04 18.74 18.17
C LEU B 122 3.37 19.96 19.04
N ALA B 123 4.03 19.69 20.17
CA ALA B 123 4.41 20.79 21.08
C ALA B 123 5.03 21.90 20.30
N GLY B 124 4.46 23.10 20.41
CA GLY B 124 5.05 24.29 19.79
C GLY B 124 4.71 24.42 18.31
N LEU B 125 4.12 23.40 17.71
CA LEU B 125 3.83 23.54 16.30
C LEU B 125 2.36 23.59 15.94
N GLY B 126 1.46 23.20 16.85
CA GLY B 126 0.08 22.98 16.42
C GLY B 126 -0.07 21.66 15.67
N SER B 127 -1.08 21.58 14.84
CA SER B 127 -1.36 20.39 14.11
C SER B 127 -0.47 20.27 12.87
N ILE B 128 0.21 19.13 12.78
CA ILE B 128 1.12 18.86 11.66
C ILE B 128 0.65 17.63 10.91
N ALA B 129 0.72 17.66 9.59
CA ALA B 129 0.33 16.54 8.76
C ALA B 129 1.45 15.50 8.85
N LEU B 130 1.11 14.25 8.58
CA LEU B 130 2.06 13.15 8.67
C LEU B 130 3.06 13.17 7.54
N SER B 131 2.75 13.95 6.51
CA SER B 131 3.64 14.04 5.43
C SER B 131 4.90 14.82 5.82
N LYS B 132 4.89 15.44 7.00
CA LYS B 132 6.08 16.19 7.49
C LYS B 132 6.86 15.39 8.53
N VAL B 133 6.40 14.21 8.85
CA VAL B 133 6.97 13.53 10.01
C VAL B 133 7.76 12.34 9.54
N GLN B 134 8.87 12.07 10.20
CA GLN B 134 9.87 11.13 9.70
C GLN B 134 9.30 9.80 10.11
N ILE B 135 9.31 8.80 9.20
CA ILE B 135 9.14 7.40 9.58
C ILE B 135 9.57 7.25 11.06
N ILE B 136 8.60 7.10 11.95
CA ILE B 136 8.81 7.14 13.39
C ILE B 136 9.75 6.04 13.87
N GLY B 137 10.72 6.43 14.72
CA GLY B 137 11.75 5.49 15.23
C GLY B 137 11.16 4.32 16.01
N ALA C 3 -48.08 17.33 -22.51
CA ALA C 3 -46.72 18.01 -22.52
C ALA C 3 -45.79 17.46 -21.43
N SER C 4 -44.54 17.12 -21.81
CA SER C 4 -43.63 16.31 -20.94
C SER C 4 -42.15 16.35 -21.28
N SER C 5 -41.39 15.79 -20.33
CA SER C 5 -39.96 15.60 -20.51
C SER C 5 -39.36 14.53 -19.60
N LEU C 6 -38.07 14.34 -19.83
CA LEU C 6 -37.32 13.33 -19.17
C LEU C 6 -37.05 13.63 -17.68
N VAL C 7 -37.30 14.86 -17.21
CA VAL C 7 -36.97 15.26 -15.84
C VAL C 7 -37.55 14.28 -14.86
N GLY C 8 -36.68 13.75 -13.99
CA GLY C 8 -37.11 12.79 -12.95
C GLY C 8 -37.11 11.34 -13.37
N ARG C 9 -36.91 11.09 -14.68
CA ARG C 9 -36.87 9.71 -15.16
C ARG C 9 -35.46 9.16 -15.13
N LYS C 10 -35.32 7.85 -15.23
CA LYS C 10 -33.99 7.24 -15.19
C LYS C 10 -33.57 6.90 -16.59
N VAL C 11 -32.40 7.35 -17.00
CA VAL C 11 -31.90 6.85 -18.28
C VAL C 11 -30.68 5.93 -18.06
N ILE C 12 -30.26 5.23 -19.10
CA ILE C 12 -29.13 4.35 -19.03
C ILE C 12 -28.01 4.96 -19.84
N VAL C 13 -26.84 5.16 -19.21
CA VAL C 13 -25.77 5.90 -19.89
C VAL C 13 -24.45 5.14 -19.98
N ALA C 14 -23.79 5.28 -21.12
CA ALA C 14 -22.47 4.72 -21.32
C ALA C 14 -21.53 5.54 -20.45
N THR C 15 -21.37 5.16 -19.18
CA THR C 15 -20.49 5.94 -18.30
C THR C 15 -19.94 4.95 -17.27
N ASP C 16 -18.89 5.33 -16.53
CA ASP C 16 -18.41 4.49 -15.46
C ASP C 16 -18.86 5.00 -14.10
N LYS C 17 -19.70 6.01 -14.04
CA LYS C 17 -20.10 6.54 -12.72
C LYS C 17 -21.57 6.57 -12.53
N SER C 18 -22.01 6.37 -11.31
CA SER C 18 -23.41 6.53 -11.08
C SER C 18 -23.70 6.91 -9.64
N VAL C 19 -24.80 7.65 -9.42
CA VAL C 19 -25.20 8.05 -8.05
C VAL C 19 -25.89 6.87 -7.44
N VAL C 20 -25.34 6.27 -6.37
CA VAL C 20 -26.01 5.06 -5.88
C VAL C 20 -26.70 5.26 -4.56
N ASP C 21 -27.95 4.82 -4.50
CA ASP C 21 -28.67 4.71 -3.24
C ASP C 21 -28.55 3.29 -2.71
N THR C 22 -27.58 3.11 -1.81
CA THR C 22 -27.14 1.82 -1.32
C THR C 22 -28.20 1.16 -0.41
N LYS C 23 -29.30 1.80 -0.19
CA LYS C 23 -30.37 1.13 0.46
C LYS C 23 -31.02 0.16 -0.51
N ASP C 24 -30.87 0.39 -1.79
CA ASP C 24 -31.44 -0.54 -2.79
C ASP C 24 -30.33 -1.28 -3.52
N THR C 25 -30.63 -2.44 -4.08
CA THR C 25 -29.69 -3.15 -4.92
C THR C 25 -29.44 -2.24 -6.13
N PHE C 26 -28.22 -2.23 -6.62
CA PHE C 26 -27.90 -1.43 -7.76
C PHE C 26 -27.77 -2.37 -8.93
N LYS C 27 -28.34 -2.05 -10.08
CA LYS C 27 -28.36 -2.98 -11.22
C LYS C 27 -28.03 -2.29 -12.50
N ALA C 28 -27.17 -2.89 -13.32
CA ALA C 28 -26.68 -2.28 -14.52
C ALA C 28 -26.13 -3.34 -15.46
N SER C 29 -25.44 -2.95 -16.54
CA SER C 29 -24.81 -3.95 -17.37
C SER C 29 -23.58 -3.45 -18.05
N LEU C 30 -22.97 -4.33 -18.84
CA LEU C 30 -21.77 -4.03 -19.57
C LEU C 30 -21.91 -4.76 -20.89
N ASN C 31 -21.12 -4.37 -21.87
CA ASN C 31 -21.05 -5.09 -23.14
C ASN C 31 -19.77 -5.87 -23.23
N LEU C 32 -19.87 -7.14 -23.58
CA LEU C 32 -18.66 -7.97 -23.76
C LEU C 32 -18.55 -8.38 -25.22
N PRO C 33 -17.62 -7.79 -25.94
CA PRO C 33 -17.47 -8.00 -27.37
C PRO C 33 -16.97 -9.42 -27.79
N VAL C 34 -16.25 -10.14 -26.93
CA VAL C 34 -15.95 -11.60 -27.21
C VAL C 34 -16.07 -12.42 -25.94
N SER C 35 -16.43 -13.68 -26.05
CA SER C 35 -16.66 -14.44 -24.83
C SER C 35 -15.38 -14.58 -24.03
N SER C 36 -15.51 -14.85 -22.76
CA SER C 36 -14.32 -14.87 -21.95
C SER C 36 -14.55 -15.64 -20.66
N SER C 37 -13.47 -16.21 -20.17
CA SER C 37 -13.55 -17.03 -18.98
C SER C 37 -13.46 -16.15 -17.74
N ASN C 38 -13.16 -14.87 -17.89
CA ASN C 38 -13.03 -14.07 -16.69
C ASN C 38 -13.43 -12.61 -16.89
N VAL C 39 -14.55 -12.20 -16.28
CA VAL C 39 -15.05 -10.83 -16.43
C VAL C 39 -15.37 -10.31 -15.04
N TRP C 40 -15.07 -9.05 -14.76
CA TRP C 40 -15.24 -8.52 -13.42
C TRP C 40 -15.58 -7.03 -13.48
N VAL C 41 -16.11 -6.52 -12.38
CA VAL C 41 -16.36 -5.11 -12.20
C VAL C 41 -15.69 -4.68 -10.88
N ASN C 42 -14.75 -3.76 -11.02
CA ASN C 42 -14.15 -3.12 -9.87
C ASN C 42 -14.99 -1.91 -9.44
N VAL C 43 -15.32 -1.84 -8.15
CA VAL C 43 -16.15 -0.78 -7.62
C VAL C 43 -15.28 0.14 -6.78
N TYR C 44 -15.36 1.46 -7.01
CA TYR C 44 -14.55 2.44 -6.30
C TYR C 44 -15.50 3.51 -5.79
N ASP C 45 -15.05 4.27 -4.81
CA ASP C 45 -15.75 5.45 -4.37
C ASP C 45 -15.41 6.69 -5.24
N ASP C 46 -16.03 7.82 -4.92
CA ASP C 46 -15.86 9.04 -5.72
C ASP C 46 -14.45 9.60 -5.66
N LYS C 47 -13.65 9.12 -4.74
CA LYS C 47 -12.26 9.56 -4.65
C LYS C 47 -11.32 8.52 -5.25
N GLY C 48 -11.85 7.43 -5.82
CA GLY C 48 -10.93 6.44 -6.37
C GLY C 48 -10.47 5.32 -5.42
N THR C 49 -10.94 5.29 -4.17
CA THR C 49 -10.57 4.20 -3.25
C THR C 49 -11.41 2.99 -3.58
N VAL C 50 -10.76 1.82 -3.73
CA VAL C 50 -11.42 0.55 -4.04
C VAL C 50 -12.44 0.24 -2.94
N VAL C 51 -13.63 -0.24 -3.32
CA VAL C 51 -14.72 -0.55 -2.44
C VAL C 51 -15.04 -2.04 -2.50
N ASN C 52 -15.09 -2.60 -3.71
CA ASN C 52 -15.44 -4.01 -3.81
C ASN C 52 -15.05 -4.56 -5.17
N ARG C 53 -15.21 -5.85 -5.34
CA ARG C 53 -14.89 -6.45 -6.63
C ARG C 53 -16.00 -7.41 -6.92
N ILE C 54 -16.67 -7.27 -8.07
CA ILE C 54 -17.76 -8.16 -8.47
C ILE C 54 -17.26 -9.06 -9.61
N ASN C 55 -17.09 -10.32 -9.31
CA ASN C 55 -16.45 -11.24 -10.29
C ASN C 55 -17.60 -11.91 -10.97
N LEU C 56 -17.60 -11.90 -12.29
CA LEU C 56 -18.72 -12.39 -13.07
C LEU C 56 -18.39 -13.73 -13.75
N GLY C 57 -17.12 -14.17 -13.71
CA GLY C 57 -16.80 -15.56 -14.12
C GLY C 57 -16.86 -15.58 -15.65
N GLN C 58 -17.13 -16.74 -16.22
CA GLN C 58 -17.23 -16.86 -17.64
C GLN C 58 -18.50 -16.27 -18.20
N GLN C 59 -18.35 -15.61 -19.33
CA GLN C 59 -19.57 -15.04 -19.96
C GLN C 59 -19.43 -15.17 -21.49
N ALA C 60 -20.57 -15.24 -22.17
CA ALA C 60 -20.57 -15.24 -23.63
C ALA C 60 -20.64 -13.83 -24.12
N ALA C 61 -20.17 -13.61 -25.33
CA ALA C 61 -20.14 -12.30 -25.93
C ALA C 61 -21.60 -11.82 -25.98
N GLY C 62 -21.84 -10.52 -25.78
CA GLY C 62 -23.22 -10.03 -25.57
C GLY C 62 -23.26 -9.04 -24.41
N SER C 63 -24.43 -8.74 -23.90
CA SER C 63 -24.37 -7.91 -22.72
C SER C 63 -24.44 -8.80 -21.49
N VAL C 64 -23.87 -8.34 -20.38
CA VAL C 64 -23.85 -9.12 -19.18
C VAL C 64 -24.43 -8.18 -18.11
N SER C 65 -25.44 -8.63 -17.38
CA SER C 65 -26.01 -7.71 -16.45
C SER C 65 -25.28 -7.97 -15.16
N PHE C 66 -25.29 -7.01 -14.22
CA PHE C 66 -24.63 -7.22 -12.88
C PHE C 66 -25.28 -6.43 -11.77
N MET C 67 -24.97 -6.79 -10.53
CA MET C 67 -25.60 -6.17 -9.36
C MET C 67 -24.55 -5.83 -8.34
N TRP C 68 -24.82 -4.78 -7.56
CA TRP C 68 -24.03 -4.47 -6.39
C TRP C 68 -25.01 -4.22 -5.22
N ASP C 69 -24.75 -4.87 -4.11
CA ASP C 69 -25.64 -4.73 -2.98
C ASP C 69 -25.33 -3.51 -2.08
N GLY C 70 -24.40 -2.66 -2.48
CA GLY C 70 -24.17 -1.44 -1.72
C GLY C 70 -23.09 -1.57 -0.65
N LYS C 71 -22.45 -2.73 -0.59
CA LYS C 71 -21.48 -3.00 0.47
C LYS C 71 -20.04 -3.09 0.00
N ASP C 72 -19.10 -2.82 0.89
CA ASP C 72 -17.72 -3.03 0.55
C ASP C 72 -17.40 -4.54 0.68
N SER C 73 -16.16 -4.93 0.45
CA SER C 73 -15.85 -6.38 0.48
C SER C 73 -15.88 -6.98 1.89
N SER C 74 -15.85 -6.13 2.91
CA SER C 74 -16.05 -6.56 4.25
C SER C 74 -17.53 -6.65 4.62
N GLY C 75 -18.43 -6.41 3.68
CA GLY C 75 -19.83 -6.49 3.98
C GLY C 75 -20.44 -5.32 4.71
N ASN C 76 -19.74 -4.20 4.81
CA ASN C 76 -20.32 -3.03 5.42
C ASN C 76 -21.08 -2.15 4.39
N ILE C 77 -22.26 -1.72 4.74
CA ILE C 77 -23.03 -0.79 3.91
C ILE C 77 -22.22 0.49 3.65
N MET C 78 -22.04 0.83 2.37
CA MET C 78 -21.44 2.07 1.97
C MET C 78 -22.52 3.20 1.96
N PRO C 79 -22.12 4.47 2.21
CA PRO C 79 -23.16 5.54 2.13
C PRO C 79 -23.55 5.86 0.69
N PRO C 80 -24.77 6.41 0.49
CA PRO C 80 -25.24 6.91 -0.82
C PRO C 80 -24.30 7.93 -1.39
N GLY C 81 -24.07 7.89 -2.70
CA GLY C 81 -23.06 8.77 -3.27
C GLY C 81 -22.66 8.28 -4.63
N THR C 82 -21.66 8.90 -5.20
CA THR C 82 -21.29 8.55 -6.53
C THR C 82 -20.24 7.39 -6.42
N TYR C 83 -20.47 6.31 -7.16
CA TYR C 83 -19.51 5.20 -7.22
C TYR C 83 -19.03 5.00 -8.62
N LYS C 84 -17.79 4.54 -8.75
CA LYS C 84 -17.25 4.24 -10.06
C LYS C 84 -17.33 2.70 -10.33
N PHE C 85 -17.74 2.32 -11.54
CA PHE C 85 -17.78 0.90 -11.91
C PHE C 85 -16.86 0.61 -13.10
N GLU C 86 -15.74 -0.06 -12.87
CA GLU C 86 -14.80 -0.35 -13.97
C GLU C 86 -14.95 -1.83 -14.36
N ALA C 87 -15.63 -2.08 -15.48
CA ALA C 87 -15.70 -3.41 -16.00
C ALA C 87 -14.51 -3.74 -16.86
N GLN C 88 -14.03 -4.95 -16.67
CA GLN C 88 -12.86 -5.45 -17.40
C GLN C 88 -12.99 -6.95 -17.63
N THR C 89 -12.18 -7.46 -18.55
CA THR C 89 -12.08 -8.87 -18.78
C THR C 89 -10.65 -9.24 -19.13
N SER C 90 -10.31 -10.52 -19.02
CA SER C 90 -8.99 -11.04 -19.41
C SER C 90 -9.16 -11.93 -20.62
N ILE C 91 -8.50 -11.61 -21.72
CA ILE C 91 -8.59 -12.42 -22.95
C ILE C 91 -7.18 -12.77 -23.43
N ASP C 92 -6.87 -14.06 -23.45
CA ASP C 92 -5.48 -14.51 -23.79
C ASP C 92 -4.43 -13.77 -23.01
N GLY C 93 -4.61 -13.65 -21.71
CA GLY C 93 -3.58 -13.09 -20.85
C GLY C 93 -3.43 -11.58 -20.87
N LYS C 94 -4.33 -10.88 -21.59
CA LYS C 94 -4.35 -9.42 -21.54
C LYS C 94 -5.67 -8.93 -20.97
N THR C 95 -5.60 -7.80 -20.26
CA THR C 95 -6.75 -7.19 -19.69
C THR C 95 -7.34 -6.07 -20.57
N TYR C 96 -8.64 -6.07 -20.77
CA TYR C 96 -9.34 -5.10 -21.59
C TYR C 96 -10.48 -4.45 -20.82
N GLY C 97 -10.64 -3.12 -21.02
CA GLY C 97 -11.75 -2.32 -20.48
C GLY C 97 -13.02 -2.68 -21.18
N LEU C 98 -14.13 -2.70 -20.42
CA LEU C 98 -15.44 -2.91 -21.04
C LEU C 98 -16.35 -1.77 -20.64
N GLN C 99 -17.28 -1.47 -21.54
CA GLN C 99 -18.18 -0.35 -21.37
C GLN C 99 -19.26 -0.75 -20.45
N THR C 100 -19.43 0.00 -19.38
CA THR C 100 -20.59 -0.21 -18.54
C THR C 100 -21.71 0.77 -18.98
N TYR C 101 -22.94 0.41 -18.71
CA TYR C 101 -24.13 1.20 -18.95
C TYR C 101 -24.89 1.31 -17.65
N LEU C 102 -24.98 2.51 -17.08
CA LEU C 102 -25.54 2.68 -15.74
C LEU C 102 -26.70 3.67 -15.71
N PRO C 103 -27.60 3.51 -14.73
CA PRO C 103 -28.73 4.40 -14.54
C PRO C 103 -28.29 5.74 -14.02
N ALA C 104 -29.04 6.75 -14.46
CA ALA C 104 -28.86 8.12 -14.01
C ALA C 104 -30.22 8.79 -14.06
N ASN C 105 -30.48 9.64 -13.09
CA ASN C 105 -31.73 10.37 -13.04
C ASN C 105 -31.55 11.62 -13.92
N VAL C 106 -32.54 11.96 -14.73
CA VAL C 106 -32.48 13.24 -15.49
C VAL C 106 -32.82 14.44 -14.60
N ASP C 107 -31.88 15.31 -14.34
CA ASP C 107 -32.26 16.42 -13.47
C ASP C 107 -33.03 17.50 -14.27
N SER C 108 -32.59 17.72 -15.50
CA SER C 108 -33.11 18.78 -16.32
C SER C 108 -32.56 18.50 -17.74
N VAL C 109 -33.08 19.19 -18.74
CA VAL C 109 -32.48 19.15 -20.06
C VAL C 109 -31.96 20.50 -20.44
N THR C 110 -30.82 20.56 -21.08
CA THR C 110 -30.31 21.84 -21.48
C THR C 110 -29.77 21.91 -22.86
N LEU C 111 -28.81 22.80 -23.01
CA LEU C 111 -28.25 23.13 -24.31
C LEU C 111 -26.74 23.27 -24.33
N GLY C 112 -26.18 23.46 -25.51
CA GLY C 112 -24.75 23.60 -25.67
C GLY C 112 -24.37 23.97 -27.08
N GLY C 116 -29.18 23.79 -32.15
CA GLY C 116 -28.94 22.38 -31.83
C GLY C 116 -28.38 22.13 -30.42
N GLU C 117 -27.79 20.95 -30.27
CA GLU C 117 -27.15 20.51 -29.03
C GLU C 117 -28.11 20.58 -27.81
N LEU C 118 -29.27 19.91 -27.84
CA LEU C 118 -29.96 19.51 -26.59
C LEU C 118 -29.09 18.52 -25.81
N MET C 119 -29.13 18.60 -24.49
CA MET C 119 -28.34 17.72 -23.68
C MET C 119 -29.01 17.37 -22.38
N LEU C 120 -28.63 16.25 -21.78
CA LEU C 120 -29.23 15.90 -20.46
C LEU C 120 -28.30 16.29 -19.32
N ASN C 121 -28.87 16.99 -18.34
CA ASN C 121 -28.24 17.14 -17.03
C ASN C 121 -28.59 15.94 -16.19
N LEU C 122 -27.61 15.04 -16.10
CA LEU C 122 -27.76 13.79 -15.33
C LEU C 122 -27.13 13.90 -13.94
N ALA C 123 -27.89 13.51 -12.92
CA ALA C 123 -27.37 13.40 -11.54
C ALA C 123 -25.98 12.78 -11.48
N GLY C 124 -25.04 13.56 -10.91
CA GLY C 124 -23.71 13.08 -10.65
C GLY C 124 -22.81 13.08 -11.87
N LEU C 125 -23.36 13.42 -13.04
CA LEU C 125 -22.58 13.35 -14.27
C LEU C 125 -22.35 14.67 -14.99
N GLY C 126 -23.21 15.66 -14.75
CA GLY C 126 -23.23 16.90 -15.55
C GLY C 126 -24.06 16.76 -16.82
N SER C 127 -23.61 17.49 -17.84
CA SER C 127 -24.28 17.59 -19.11
C SER C 127 -23.82 16.45 -19.97
N ILE C 128 -24.75 15.61 -20.40
CA ILE C 128 -24.33 14.45 -21.18
C ILE C 128 -25.01 14.45 -22.56
N ALA C 129 -24.28 14.11 -23.62
CA ALA C 129 -24.85 14.05 -24.96
C ALA C 129 -25.72 12.82 -25.07
N LEU C 130 -26.74 12.90 -25.94
CA LEU C 130 -27.63 11.80 -26.13
C LEU C 130 -26.97 10.62 -26.84
N SER C 131 -25.80 10.83 -27.44
CA SER C 131 -25.09 9.73 -28.07
C SER C 131 -24.66 8.75 -27.00
N LYS C 132 -24.65 9.17 -25.74
CA LYS C 132 -24.23 8.25 -24.69
C LYS C 132 -25.39 7.66 -23.96
N VAL C 133 -26.60 8.01 -24.38
CA VAL C 133 -27.80 7.67 -23.63
C VAL C 133 -28.59 6.65 -24.37
N GLN C 134 -29.16 5.69 -23.66
CA GLN C 134 -29.67 4.49 -24.31
C GLN C 134 -31.11 4.71 -24.70
N ILE C 135 -31.50 4.13 -25.84
CA ILE C 135 -32.87 4.24 -26.31
C ILE C 135 -33.68 4.10 -25.03
N ILE C 136 -34.46 5.14 -24.74
CA ILE C 136 -35.08 5.33 -23.44
C ILE C 136 -36.27 4.40 -23.35
N GLY C 137 -36.33 3.62 -22.26
CA GLY C 137 -37.40 2.61 -22.08
C GLY C 137 -38.86 3.07 -22.01
N SER D 4 24.73 -42.20 13.46
CA SER D 4 23.71 -41.16 13.04
C SER D 4 22.30 -41.65 12.68
N SER D 5 21.42 -40.66 12.68
CA SER D 5 20.10 -40.81 12.09
C SER D 5 19.48 -39.47 11.75
N LEU D 6 18.26 -39.63 11.27
CA LEU D 6 17.51 -38.53 10.74
C LEU D 6 16.88 -37.70 11.88
N VAL D 7 16.75 -38.29 13.08
CA VAL D 7 16.13 -37.64 14.23
C VAL D 7 16.57 -36.19 14.26
N GLY D 8 15.59 -35.27 14.23
CA GLY D 8 15.86 -33.81 14.28
C GLY D 8 16.23 -33.12 12.97
N ARG D 9 16.32 -33.90 11.91
CA ARG D 9 16.48 -33.32 10.56
C ARG D 9 15.10 -33.01 9.98
N LYS D 10 15.09 -32.14 9.00
CA LYS D 10 13.91 -31.84 8.20
C LYS D 10 13.95 -32.67 6.92
N VAL D 11 12.87 -33.36 6.64
CA VAL D 11 12.74 -34.02 5.36
C VAL D 11 11.55 -33.38 4.60
N ILE D 12 11.50 -33.56 3.28
CA ILE D 12 10.39 -33.09 2.45
C ILE D 12 9.44 -34.25 2.18
N VAL D 13 8.17 -34.04 2.52
CA VAL D 13 7.21 -35.13 2.39
C VAL D 13 6.03 -34.82 1.45
N ALA D 14 5.63 -35.80 0.65
CA ALA D 14 4.45 -35.66 -0.18
C ALA D 14 3.24 -35.69 0.75
N THR D 15 2.83 -34.54 1.23
CA THR D 15 1.72 -34.52 2.22
C THR D 15 1.05 -33.17 2.05
N ASP D 16 -0.19 -33.02 2.53
CA ASP D 16 -0.82 -31.69 2.55
C ASP D 16 -0.80 -31.03 3.92
N LYS D 17 -0.10 -31.61 4.87
CA LYS D 17 0.00 -30.98 6.21
C LYS D 17 1.43 -30.73 6.65
N SER D 18 1.61 -29.71 7.48
CA SER D 18 2.89 -29.52 8.07
C SER D 18 2.75 -28.73 9.35
N VAL D 19 3.66 -28.97 10.28
CA VAL D 19 3.72 -28.23 11.54
C VAL D 19 4.41 -26.92 11.27
N VAL D 20 3.72 -25.79 11.47
CA VAL D 20 4.35 -24.51 11.09
C VAL D 20 4.71 -23.57 12.24
N ASP D 21 5.97 -23.18 12.31
CA ASP D 21 6.42 -22.10 13.19
C ASP D 21 6.25 -20.75 12.50
N THR D 22 5.12 -20.11 12.78
CA THR D 22 4.66 -18.93 12.04
C THR D 22 5.57 -17.73 12.34
N LYS D 23 6.59 -17.95 13.17
CA LYS D 23 7.54 -16.85 13.36
C LYS D 23 8.47 -16.75 12.14
N ASP D 24 8.66 -17.87 11.45
CA ASP D 24 9.49 -17.88 10.24
C ASP D 24 8.56 -18.04 9.07
N THR D 25 9.03 -17.57 7.93
CA THR D 25 8.40 -17.86 6.67
C THR D 25 8.37 -19.36 6.48
N PHE D 26 7.28 -19.85 5.89
CA PHE D 26 7.16 -21.20 5.50
C PHE D 26 7.43 -21.34 3.98
N LYS D 27 8.28 -22.29 3.59
CA LYS D 27 8.70 -22.43 2.19
C LYS D 27 8.47 -23.84 1.75
N ALA D 28 7.88 -24.06 0.58
CA ALA D 28 7.61 -25.44 0.13
C ALA D 28 7.38 -25.52 -1.39
N SER D 29 6.88 -26.64 -1.92
CA SER D 29 6.79 -26.79 -3.36
C SER D 29 5.56 -27.55 -3.66
N LEU D 30 5.24 -27.59 -4.94
CA LEU D 30 4.16 -28.42 -5.46
C LEU D 30 4.71 -28.80 -6.84
N ASN D 31 4.18 -29.87 -7.40
CA ASN D 31 4.48 -30.24 -8.75
C ASN D 31 3.26 -29.91 -9.65
N LEU D 32 3.51 -29.40 -10.84
CA LEU D 32 2.44 -29.08 -11.79
C LEU D 32 2.68 -29.81 -13.10
N PRO D 33 1.90 -30.83 -13.37
CA PRO D 33 2.14 -31.71 -14.49
C PRO D 33 1.92 -31.02 -15.86
N VAL D 34 1.05 -30.02 -15.92
CA VAL D 34 0.79 -29.27 -17.16
C VAL D 34 0.80 -27.77 -16.90
N SER D 35 1.37 -27.01 -17.82
CA SER D 35 1.52 -25.61 -17.51
C SER D 35 0.10 -25.01 -17.48
N SER D 36 -0.06 -23.93 -16.76
CA SER D 36 -1.41 -23.48 -16.52
C SER D 36 -1.41 -21.99 -16.26
N SER D 37 -2.55 -21.35 -16.54
CA SER D 37 -2.57 -19.89 -16.34
C SER D 37 -2.99 -19.49 -14.92
N ASN D 38 -3.37 -20.49 -14.12
CA ASN D 38 -3.88 -20.16 -12.80
C ASN D 38 -3.62 -21.32 -11.81
N VAL D 39 -2.69 -21.08 -10.88
CA VAL D 39 -2.33 -22.08 -9.87
C VAL D 39 -2.37 -21.47 -8.50
N TRP D 40 -2.88 -22.18 -7.48
CA TRP D 40 -3.02 -21.60 -6.13
C TRP D 40 -2.84 -22.62 -5.03
N VAL D 41 -2.65 -22.12 -3.82
CA VAL D 41 -2.69 -22.93 -2.63
C VAL D 41 -3.72 -22.34 -1.63
N ASN D 42 -4.70 -23.15 -1.23
CA ASN D 42 -5.57 -22.84 -0.14
C ASN D 42 -4.90 -23.22 1.20
N VAL D 43 -4.94 -22.32 2.18
CA VAL D 43 -4.39 -22.68 3.47
C VAL D 43 -5.53 -22.81 4.49
N TYR D 44 -5.49 -23.85 5.31
CA TYR D 44 -6.47 -24.11 6.34
C TYR D 44 -5.71 -24.41 7.63
N ASP D 45 -6.39 -24.21 8.77
CA ASP D 45 -5.92 -24.66 10.04
C ASP D 45 -6.25 -26.14 10.23
N ASP D 46 -5.91 -26.65 11.42
CA ASP D 46 -5.95 -28.12 11.60
C ASP D 46 -7.38 -28.60 11.75
N LYS D 47 -8.31 -27.67 11.72
CA LYS D 47 -9.70 -28.04 11.83
C LYS D 47 -10.42 -27.92 10.47
N GLY D 48 -9.72 -27.61 9.38
CA GLY D 48 -10.41 -27.37 8.11
C GLY D 48 -10.95 -25.95 7.88
N THR D 49 -10.71 -25.02 8.81
CA THR D 49 -11.13 -23.65 8.61
C THR D 49 -10.11 -22.90 7.76
N VAL D 50 -10.57 -22.26 6.68
CA VAL D 50 -9.73 -21.58 5.70
C VAL D 50 -8.98 -20.41 6.42
N VAL D 51 -7.71 -20.22 6.06
CA VAL D 51 -6.91 -19.23 6.70
C VAL D 51 -6.44 -18.23 5.67
N ASN D 52 -6.04 -18.73 4.49
CA ASN D 52 -5.56 -17.80 3.48
C ASN D 52 -5.60 -18.41 2.11
N ARG D 53 -5.23 -17.64 1.07
CA ARG D 53 -5.27 -18.06 -0.36
C ARG D 53 -3.94 -17.56 -0.89
N ILE D 54 -3.09 -18.47 -1.39
CA ILE D 54 -1.83 -18.03 -2.02
C ILE D 54 -1.98 -18.29 -3.50
N ASN D 55 -2.10 -17.22 -4.26
CA ASN D 55 -2.31 -17.34 -5.73
C ASN D 55 -0.98 -17.22 -6.40
N LEU D 56 -0.72 -18.16 -7.28
CA LEU D 56 0.57 -18.24 -7.90
C LEU D 56 0.53 -17.81 -9.38
N GLY D 57 -0.66 -17.62 -9.91
CA GLY D 57 -0.73 -17.07 -11.25
C GLY D 57 -0.35 -18.14 -12.24
N GLN D 58 0.12 -17.69 -13.41
CA GLN D 58 0.52 -18.62 -14.46
C GLN D 58 1.82 -19.31 -14.06
N GLN D 59 1.94 -20.59 -14.45
CA GLN D 59 3.18 -21.33 -14.20
C GLN D 59 3.39 -22.36 -15.30
N ALA D 60 4.64 -22.56 -15.67
CA ALA D 60 5.10 -23.66 -16.54
C ALA D 60 5.05 -25.05 -15.88
N ALA D 61 4.81 -26.10 -16.66
CA ALA D 61 4.91 -27.46 -16.15
C ALA D 61 6.20 -27.66 -15.34
N GLY D 62 6.19 -28.45 -14.29
CA GLY D 62 7.43 -28.58 -13.52
C GLY D 62 7.18 -28.35 -12.04
N SER D 63 8.22 -28.04 -11.27
CA SER D 63 7.92 -27.77 -9.87
C SER D 63 7.68 -26.26 -9.64
N VAL D 64 6.88 -25.95 -8.63
CA VAL D 64 6.58 -24.54 -8.34
C VAL D 64 6.80 -24.30 -6.84
N SER D 65 7.61 -23.30 -6.52
CA SER D 65 7.83 -22.92 -5.14
C SER D 65 6.77 -21.98 -4.59
N PHE D 66 6.46 -22.04 -3.29
CA PHE D 66 5.53 -21.03 -2.76
C PHE D 66 5.87 -20.68 -1.33
N MET D 67 5.47 -19.52 -0.84
CA MET D 67 5.82 -19.18 0.54
C MET D 67 4.54 -18.81 1.29
N TRP D 68 4.54 -19.01 2.60
CA TRP D 68 3.50 -18.45 3.45
C TRP D 68 4.12 -17.78 4.68
N ASP D 69 3.76 -16.53 4.86
CA ASP D 69 4.32 -15.71 5.92
C ASP D 69 3.54 -16.00 7.20
N GLY D 70 2.68 -17.01 7.21
CA GLY D 70 2.08 -17.40 8.49
C GLY D 70 0.91 -16.55 8.98
N LYS D 71 0.37 -15.68 8.12
CA LYS D 71 -0.74 -14.78 8.44
C LYS D 71 -2.00 -15.23 7.71
N ASP D 72 -3.13 -14.84 8.28
CA ASP D 72 -4.40 -15.13 7.66
C ASP D 72 -4.65 -14.08 6.60
N SER D 73 -5.76 -14.15 5.86
CA SER D 73 -5.88 -13.21 4.70
C SER D 73 -6.09 -11.75 5.10
N SER D 74 -6.38 -11.54 6.39
CA SER D 74 -6.41 -10.23 7.03
C SER D 74 -5.07 -9.75 7.58
N GLY D 75 -4.02 -10.51 7.40
CA GLY D 75 -2.73 -10.04 7.88
C GLY D 75 -2.46 -10.27 9.37
N ASN D 76 -3.26 -11.10 10.02
CA ASN D 76 -2.99 -11.39 11.41
C ASN D 76 -2.17 -12.67 11.55
N ILE D 77 -1.06 -12.60 12.27
CA ILE D 77 -0.23 -13.77 12.59
C ILE D 77 -1.06 -14.93 13.12
N MET D 78 -0.91 -16.11 12.53
CA MET D 78 -1.54 -17.30 13.03
C MET D 78 -0.64 -17.97 14.07
N PRO D 79 -1.22 -18.66 15.05
CA PRO D 79 -0.32 -19.30 16.03
C PRO D 79 0.35 -20.54 15.43
N PRO D 80 1.54 -20.88 15.94
CA PRO D 80 2.26 -22.09 15.49
C PRO D 80 1.39 -23.34 15.60
N GLY D 81 1.53 -24.28 14.65
CA GLY D 81 0.64 -25.44 14.67
C GLY D 81 0.51 -26.12 13.34
N THR D 82 -0.41 -27.07 13.26
CA THR D 82 -0.52 -27.81 12.03
C THR D 82 -1.47 -27.05 11.07
N TYR D 83 -1.00 -26.82 9.86
CA TYR D 83 -1.77 -26.17 8.79
C TYR D 83 -1.86 -27.08 7.60
N LYS D 84 -2.95 -26.94 6.84
CA LYS D 84 -3.15 -27.76 5.66
C LYS D 84 -2.90 -26.86 4.41
N PHE D 85 -2.18 -27.39 3.42
CA PHE D 85 -1.89 -26.72 2.17
C PHE D 85 -2.48 -27.52 1.00
N GLU D 86 -3.52 -26.97 0.36
CA GLU D 86 -4.15 -27.63 -0.81
C GLU D 86 -3.84 -26.86 -2.11
N ALA D 87 -2.93 -27.43 -2.89
CA ALA D 87 -2.53 -26.84 -4.12
C ALA D 87 -3.47 -27.34 -5.18
N GLN D 88 -3.89 -26.43 -6.03
CA GLN D 88 -4.77 -26.80 -7.12
C GLN D 88 -4.42 -25.94 -8.34
N THR D 89 -5.00 -26.30 -9.47
CA THR D 89 -4.91 -25.49 -10.65
C THR D 89 -6.18 -25.63 -11.49
N SER D 90 -6.40 -24.65 -12.38
CA SER D 90 -7.53 -24.68 -13.33
C SER D 90 -6.96 -24.85 -14.73
N ILE D 91 -7.36 -25.91 -15.41
CA ILE D 91 -6.89 -26.18 -16.77
C ILE D 91 -8.13 -26.47 -17.61
N ASP D 92 -8.28 -25.77 -18.74
CA ASP D 92 -9.53 -25.77 -19.52
C ASP D 92 -10.61 -25.45 -18.53
N GLY D 93 -11.72 -26.14 -18.49
CA GLY D 93 -12.62 -25.50 -17.51
C GLY D 93 -12.55 -26.05 -16.10
N LYS D 94 -11.54 -26.89 -15.83
CA LYS D 94 -11.64 -27.84 -14.71
C LYS D 94 -10.53 -27.68 -13.68
N THR D 95 -10.91 -27.95 -12.43
CA THR D 95 -10.06 -27.79 -11.32
C THR D 95 -9.41 -29.11 -10.98
N TYR D 96 -8.09 -29.13 -10.88
CA TYR D 96 -7.34 -30.32 -10.48
C TYR D 96 -6.50 -30.14 -9.24
N GLY D 97 -6.47 -31.17 -8.39
CA GLY D 97 -5.59 -31.18 -7.22
C GLY D 97 -4.14 -31.32 -7.62
N LEU D 98 -3.21 -30.67 -6.88
CA LEU D 98 -1.78 -30.87 -7.11
C LEU D 98 -1.06 -31.32 -5.83
N GLN D 99 0.04 -32.08 -6.03
CA GLN D 99 0.78 -32.62 -4.93
C GLN D 99 1.67 -31.54 -4.35
N THR D 100 1.57 -31.31 -3.05
CA THR D 100 2.52 -30.46 -2.37
C THR D 100 3.63 -31.33 -1.74
N TYR D 101 4.79 -30.74 -1.55
CA TYR D 101 5.93 -31.37 -0.88
C TYR D 101 6.32 -30.44 0.22
N LEU D 102 6.07 -30.85 1.47
CA LEU D 102 6.27 -30.01 2.64
C LEU D 102 7.30 -30.54 3.61
N PRO D 103 7.92 -29.64 4.38
CA PRO D 103 8.91 -30.01 5.36
C PRO D 103 8.28 -30.57 6.62
N ALA D 104 8.96 -31.56 7.18
CA ALA D 104 8.57 -32.16 8.45
C ALA D 104 9.85 -32.51 9.23
N ASN D 105 9.77 -32.38 10.55
CA ASN D 105 10.91 -32.74 11.37
C ASN D 105 10.86 -34.25 11.64
N VAL D 106 12.00 -34.95 11.54
CA VAL D 106 11.98 -36.39 11.88
C VAL D 106 11.96 -36.49 13.38
N ASP D 107 10.92 -37.11 13.92
CA ASP D 107 10.91 -37.30 15.36
C ASP D 107 11.63 -38.57 15.87
N SER D 108 11.55 -39.65 15.11
CA SER D 108 12.18 -40.90 15.46
C SER D 108 12.01 -41.75 14.21
N VAL D 109 12.74 -42.87 14.11
CA VAL D 109 12.41 -43.88 13.10
C VAL D 109 11.81 -45.11 13.72
N THR D 110 10.79 -45.68 13.11
CA THR D 110 10.17 -46.92 13.61
C THR D 110 9.94 -48.00 12.56
N LEU D 111 8.94 -48.84 12.85
CA LEU D 111 8.70 -50.09 12.13
C LEU D 111 7.19 -50.39 11.90
N GLY D 112 6.87 -50.98 10.74
CA GLY D 112 5.49 -51.36 10.39
C GLY D 112 5.41 -52.69 9.63
N GLU D 117 9.06 -53.08 7.78
CA GLU D 117 9.27 -51.81 7.10
C GLU D 117 9.76 -50.72 8.08
N LEU D 118 10.97 -50.20 7.86
CA LEU D 118 11.37 -48.91 8.49
C LEU D 118 10.45 -47.77 8.07
N MET D 119 10.14 -46.85 8.98
CA MET D 119 9.34 -45.66 8.70
C MET D 119 9.82 -44.46 9.51
N LEU D 120 9.44 -43.27 9.07
CA LEU D 120 9.74 -42.07 9.84
C LEU D 120 8.48 -41.69 10.62
N ASN D 121 8.68 -41.34 11.89
CA ASN D 121 7.67 -40.65 12.67
C ASN D 121 7.97 -39.19 12.52
N LEU D 122 7.10 -38.56 11.75
CA LEU D 122 7.24 -37.15 11.36
C LEU D 122 6.27 -36.30 12.17
N ALA D 123 6.80 -35.19 12.68
CA ALA D 123 6.01 -34.23 13.47
C ALA D 123 4.72 -33.90 12.77
N GLY D 124 3.63 -34.19 13.45
CA GLY D 124 2.32 -33.78 13.00
C GLY D 124 1.78 -34.70 11.94
N LEU D 125 2.58 -35.65 11.49
CA LEU D 125 2.08 -36.58 10.48
C LEU D 125 1.94 -37.97 11.00
N GLY D 126 2.66 -38.26 12.09
CA GLY D 126 2.82 -39.66 12.49
C GLY D 126 3.76 -40.44 11.60
N SER D 127 3.39 -41.68 11.37
CA SER D 127 4.26 -42.67 10.82
C SER D 127 4.16 -42.63 9.31
N ILE D 128 5.27 -42.35 8.63
CA ILE D 128 5.24 -42.16 7.18
C ILE D 128 6.24 -43.07 6.41
N ALA D 129 5.76 -43.68 5.32
CA ALA D 129 6.60 -44.47 4.46
C ALA D 129 7.58 -43.61 3.73
N LEU D 130 8.78 -44.17 3.55
CA LEU D 130 9.83 -43.56 2.82
C LEU D 130 9.48 -43.31 1.34
N SER D 131 8.48 -44.00 0.79
CA SER D 131 7.98 -43.64 -0.51
C SER D 131 7.39 -42.23 -0.59
N LYS D 132 7.18 -41.56 0.54
CA LYS D 132 6.62 -40.23 0.52
C LYS D 132 7.66 -39.21 0.80
N VAL D 133 8.88 -39.67 1.01
CA VAL D 133 9.92 -38.80 1.54
C VAL D 133 10.93 -38.57 0.48
N GLN D 134 11.49 -37.36 0.43
CA GLN D 134 12.34 -36.96 -0.69
C GLN D 134 13.77 -37.31 -0.41
N ILE D 135 14.49 -37.57 -1.52
CA ILE D 135 15.92 -37.78 -1.49
C ILE D 135 16.40 -36.70 -0.57
N ILE D 136 17.08 -37.11 0.50
CA ILE D 136 17.32 -36.29 1.66
C ILE D 136 18.60 -35.55 1.34
C1 GOL E . -2.37 -9.84 3.40
O1 GOL E . -2.80 -9.25 2.19
C2 GOL E . -1.68 -11.19 3.23
O2 GOL E . -2.55 -12.20 2.73
C3 GOL E . -1.13 -11.64 4.58
O3 GOL E . -0.60 -12.93 4.35
C1 GOL F . -0.65 -13.85 -3.55
O1 GOL F . -1.93 -14.47 -3.43
C2 GOL F . -0.58 -12.49 -4.28
O2 GOL F . 0.77 -12.10 -4.54
C3 GOL F . -1.16 -11.38 -3.42
O3 GOL F . -2.50 -11.62 -2.98
C1 GOL G . -7.59 -8.50 -11.42
O1 GOL G . -7.29 -8.31 -12.78
C2 GOL G . -6.33 -8.21 -10.58
O2 GOL G . -6.55 -7.10 -9.70
C3 GOL G . -6.04 -9.45 -9.75
O3 GOL G . -7.09 -10.38 -9.92
C1 GOL H . 2.45 13.71 0.76
O1 GOL H . 2.82 15.06 0.60
C2 GOL H . 0.96 13.43 0.42
O2 GOL H . 0.06 14.33 1.06
C3 GOL H . 0.56 11.96 0.63
O3 GOL H . 1.21 11.11 -0.27
C1 GOL I . 31.05 26.70 14.68
O1 GOL I . 29.95 27.61 14.73
C2 GOL I . 31.89 26.73 15.95
O2 GOL I . 32.59 27.95 16.03
C3 GOL I . 32.96 25.66 15.95
O3 GOL I . 32.48 24.60 15.14
C1 GOL J . 28.71 28.71 23.02
O1 GOL J . 27.45 28.27 22.54
C2 GOL J . 29.38 29.70 22.04
O2 GOL J . 28.71 29.66 20.81
C3 GOL J . 30.86 29.34 21.83
O3 GOL J . 31.66 30.51 21.65
C1 GOL K . 23.66 39.25 21.48
O1 GOL K . 22.93 39.14 22.68
C2 GOL K . 24.09 37.89 20.90
O2 GOL K . 23.05 37.01 20.52
C3 GOL K . 25.23 37.24 21.69
O3 GOL K . 24.88 37.34 23.04
C1 GOL L . -13.15 -1.94 1.44
O1 GOL L . -12.18 -2.16 0.44
C2 GOL L . -12.69 -2.12 2.89
O2 GOL L . -11.34 -1.78 3.15
C3 GOL L . -13.12 -3.47 3.43
O3 GOL L . -13.29 -4.27 2.27
C1 GOL M . -9.05 -15.50 7.10
O1 GOL M . -9.86 -16.65 7.15
C2 GOL M . -9.84 -14.32 7.65
O2 GOL M . -9.02 -13.19 7.83
C3 GOL M . -10.35 -14.71 9.03
O3 GOL M . -11.73 -14.90 8.88
C1 GOL N . -7.77 -31.91 -2.80
O1 GOL N . -8.94 -31.41 -2.19
C2 GOL N . -7.17 -30.89 -3.80
O2 GOL N . -7.96 -30.82 -4.95
C3 GOL N . -5.76 -31.35 -4.23
O3 GOL N . -4.68 -30.75 -3.53
#